data_5QPE
#
_entry.id   5QPE
#
_cell.length_a   57.861
_cell.length_b   57.861
_cell.length_c   395.379
_cell.angle_alpha   90.000
_cell.angle_beta   90.000
_cell.angle_gamma   120.000
#
_symmetry.space_group_name_H-M   'P 61 2 2'
#
loop_
_entity.id
_entity.type
_entity.pdbx_description
1 polymer 'Farnesyl diphosphate synthase'
2 non-polymer 'SULFATE ION'
3 non-polymer 'ACETATE ION'
4 non-polymer 'ZINC ION'
5 non-polymer ~{N}2-(1~{H}-benzimidazol-2-yl)benzene-1,2-diamine
6 water water
#
_entity_poly.entity_id   1
_entity_poly.type   'polypeptide(L)'
_entity_poly.pdbx_seq_one_letter_code
;GPMASMERFLSVYDEVQAFLLDQLQSKYEIDPNRARYLRIMMDTTCLGGKYFRGMTVVNVAEGFLAVTQHDEATKERILH
DACVGGWMIEFLQAHYLVEDDIMDGSVMRRGKPCWYRFPGVTTQCAINDGIILKSWTQIMAWHYFADRPFLKDLLCLFQK
VDYATAVGQMYDVTSMCDSNKLDPEVAQPMTTDFAEFTPAIYKRIVKYKTTFYTYLLPLVMGLLVSEAAASVEMNLVERV
AHLIGEYFQVQDDVMDCFTPPEQLGKVGTDIEDAKCSWLAVTFLGKANAAQVAEFKANYGEKDPAKVAVVKRLYSKANLQ
ADFAAYEAEVVREVESLIEQLKVKSPTFAESVAVVWEKTHKRKK
;
_entity_poly.pdbx_strand_id   A
#
loop_
_chem_comp.id
_chem_comp.type
_chem_comp.name
_chem_comp.formula
ACT non-polymer 'ACETATE ION' 'C2 H3 O2 -1'
AWG non-polymer ~{N}2-(1~{H}-benzimidazol-2-yl)benzene-1,2-diamine 'C13 H12 N4'
SO4 non-polymer 'SULFATE ION' 'O4 S -2'
ZN non-polymer 'ZINC ION' 'Zn 2'
#
# COMPACT_ATOMS: atom_id res chain seq x y z
N MET A 3 -20.94 -12.14 14.68
CA MET A 3 -19.61 -11.55 15.08
C MET A 3 -19.12 -10.45 14.10
N ALA A 4 -18.81 -9.25 14.64
CA ALA A 4 -18.43 -8.08 13.81
C ALA A 4 -17.14 -8.39 13.10
N SER A 5 -16.97 -7.69 11.98
CA SER A 5 -15.92 -8.01 11.03
C SER A 5 -14.56 -7.75 11.66
N MET A 6 -14.38 -6.58 12.25
CA MET A 6 -13.09 -6.28 12.89
C MET A 6 -12.63 -7.35 13.93
N GLU A 7 -13.55 -7.76 14.80
CA GLU A 7 -13.25 -8.74 15.84
C GLU A 7 -12.83 -10.04 15.25
N ARG A 8 -13.53 -10.44 14.19
CA ARG A 8 -13.24 -11.67 13.55
C ARG A 8 -11.83 -11.55 12.92
N PHE A 9 -11.55 -10.42 12.29
CA PHE A 9 -10.24 -10.23 11.61
C PHE A 9 -9.08 -10.28 12.59
N LEU A 10 -9.23 -9.66 13.77
CA LEU A 10 -8.21 -9.70 14.82
C LEU A 10 -8.04 -11.00 15.50
N SER A 11 -9.14 -11.73 15.72
CA SER A 11 -9.03 -13.07 16.23
C SER A 11 -8.25 -13.99 15.34
N VAL A 12 -8.39 -13.80 14.01
CA VAL A 12 -7.65 -14.62 13.10
C VAL A 12 -6.15 -14.28 13.14
N TYR A 13 -5.82 -13.01 13.34
CA TYR A 13 -4.41 -12.66 13.65
C TYR A 13 -3.88 -13.61 14.74
N ASP A 14 -4.57 -13.71 15.85
CA ASP A 14 -4.03 -14.46 16.98
C ASP A 14 -3.88 -15.90 16.59
N GLU A 15 -4.83 -16.37 15.82
CA GLU A 15 -4.81 -17.73 15.35
C GLU A 15 -3.60 -18.07 14.44
N VAL A 16 -3.42 -17.22 13.44
CA VAL A 16 -2.33 -17.32 12.48
C VAL A 16 -0.99 -17.19 13.17
N GLN A 17 -0.90 -16.22 14.07
CA GLN A 17 0.33 -16.07 14.89
C GLN A 17 0.63 -17.32 15.67
N ALA A 18 -0.36 -17.90 16.35
CA ALA A 18 -0.12 -19.07 17.15
C ALA A 18 0.36 -20.22 16.22
N PHE A 19 -0.35 -20.42 15.12
CA PHE A 19 0.01 -21.40 14.11
C PHE A 19 1.48 -21.25 13.61
N LEU A 20 1.87 -20.04 13.25
CA LEU A 20 3.25 -19.78 12.72
C LEU A 20 4.29 -20.07 13.81
N LEU A 21 4.05 -19.57 15.02
CA LEU A 21 5.03 -19.78 16.15
C LEU A 21 5.12 -21.24 16.54
N ASP A 22 3.97 -21.93 16.58
CA ASP A 22 3.95 -23.35 16.94
C ASP A 22 4.63 -24.21 15.85
N GLN A 23 4.48 -23.82 14.59
CA GLN A 23 5.09 -24.54 13.54
C GLN A 23 6.60 -24.30 13.55
N LEU A 24 7.04 -23.11 13.92
CA LEU A 24 8.45 -22.90 14.03
C LEU A 24 9.11 -23.80 15.09
N GLN A 25 8.44 -23.99 16.22
CA GLN A 25 8.91 -24.89 17.29
C GLN A 25 8.84 -26.35 16.88
N SER A 26 7.79 -26.79 16.23
CA SER A 26 7.64 -28.19 15.91
C SER A 26 8.37 -28.63 14.68
N LYS A 27 8.61 -27.74 13.69
CA LYS A 27 9.26 -28.11 12.45
C LYS A 27 10.53 -27.37 12.07
N TYR A 28 10.85 -26.29 12.79
CA TYR A 28 11.99 -25.44 12.40
C TYR A 28 12.99 -25.27 13.59
N GLU A 29 12.77 -26.07 14.64
CA GLU A 29 13.71 -26.23 15.76
C GLU A 29 13.95 -24.92 16.49
N ILE A 30 12.95 -24.06 16.50
CA ILE A 30 13.13 -22.79 17.15
C ILE A 30 13.11 -22.94 18.66
N ASP A 31 13.80 -22.00 19.31
CA ASP A 31 13.87 -21.89 20.73
C ASP A 31 12.99 -20.81 21.20
N PRO A 32 12.69 -20.79 22.51
CA PRO A 32 11.63 -19.86 22.91
C PRO A 32 11.97 -18.39 22.81
N ASN A 33 13.23 -18.05 22.98
CA ASN A 33 13.59 -16.66 22.94
C ASN A 33 13.50 -16.09 21.49
N ARG A 34 13.90 -16.90 20.51
CA ARG A 34 13.74 -16.46 19.13
C ARG A 34 12.27 -16.46 18.71
N ALA A 35 11.47 -17.38 19.26
CA ALA A 35 10.09 -17.38 18.97
C ALA A 35 9.46 -16.10 19.48
N ARG A 36 9.89 -15.70 20.70
CA ARG A 36 9.50 -14.43 21.25
C ARG A 36 9.88 -13.22 20.43
N TYR A 37 11.15 -13.16 20.04
CA TYR A 37 11.60 -12.08 19.20
C TYR A 37 10.69 -12.00 17.98
N LEU A 38 10.41 -13.13 17.36
CA LEU A 38 9.60 -13.11 16.13
C LEU A 38 8.17 -12.72 16.34
N ARG A 39 7.64 -13.13 17.46
CA ARG A 39 6.31 -12.74 17.90
C ARG A 39 6.21 -11.23 18.08
N ILE A 40 7.26 -10.63 18.67
CA ILE A 40 7.24 -9.23 18.88
C ILE A 40 7.45 -8.51 17.51
N MET A 41 8.27 -9.07 16.63
CA MET A 41 8.47 -8.47 15.30
C MET A 41 7.16 -8.46 14.53
N MET A 42 6.46 -9.56 14.61
CA MET A 42 5.19 -9.67 13.89
C MET A 42 4.20 -8.61 14.42
N ASP A 43 4.02 -8.56 15.73
CA ASP A 43 3.14 -7.54 16.34
C ASP A 43 3.51 -6.15 16.03
N THR A 44 4.80 -5.88 16.07
CA THR A 44 5.24 -4.50 15.83
C THR A 44 5.10 -4.09 14.37
N THR A 45 5.31 -4.99 13.41
CA THR A 45 5.33 -4.61 12.06
C THR A 45 3.97 -4.79 11.46
N CYS A 46 3.15 -5.70 11.98
CA CYS A 46 1.83 -5.96 11.28
C CYS A 46 0.58 -5.30 11.90
N LEU A 47 0.65 -4.89 13.16
CA LEU A 47 -0.49 -4.38 13.86
C LEU A 47 -0.33 -2.89 14.07
N GLY A 48 -1.42 -2.20 14.34
CA GLY A 48 -1.33 -0.75 14.61
C GLY A 48 -1.95 0.17 13.57
N GLY A 49 -2.03 -0.25 12.32
CA GLY A 49 -2.63 0.53 11.27
C GLY A 49 -4.17 0.36 11.37
N LYS A 50 -4.84 0.73 10.30
CA LYS A 50 -6.28 0.62 10.24
C LYS A 50 -6.82 -0.65 9.61
N TYR A 51 -5.93 -1.46 9.07
CA TYR A 51 -6.28 -2.73 8.44
C TYR A 51 -7.22 -2.56 7.27
N PHE A 52 -7.06 -1.47 6.58
CA PHE A 52 -7.87 -1.13 5.45
C PHE A 52 -7.81 -2.25 4.37
N ARG A 53 -6.61 -2.65 4.03
CA ARG A 53 -6.36 -3.69 3.04
C ARG A 53 -6.99 -5.05 3.37
N GLY A 54 -6.67 -5.56 4.53
CA GLY A 54 -7.18 -6.85 4.97
C GLY A 54 -8.66 -6.83 5.16
N MET A 55 -9.18 -5.72 5.69
CA MET A 55 -10.62 -5.60 5.90
C MET A 55 -11.38 -5.42 4.59
N THR A 56 -10.75 -4.91 3.53
CA THR A 56 -11.41 -4.85 2.28
C THR A 56 -11.75 -6.32 1.84
N VAL A 57 -10.85 -7.26 2.04
CA VAL A 57 -11.09 -8.66 1.63
C VAL A 57 -12.33 -9.17 2.35
N VAL A 58 -12.37 -8.89 3.62
CA VAL A 58 -13.43 -9.34 4.45
C VAL A 58 -14.74 -8.67 4.02
N ASN A 59 -14.70 -7.37 3.72
CA ASN A 59 -15.88 -6.63 3.33
C ASN A 59 -16.46 -7.11 1.99
N VAL A 60 -15.61 -7.34 0.97
CA VAL A 60 -16.06 -7.90 -0.29
C VAL A 60 -16.72 -9.26 0.02
N ALA A 61 -16.11 -10.09 0.86
CA ALA A 61 -16.69 -11.47 1.06
C ALA A 61 -18.07 -11.37 1.79
N GLU A 62 -18.16 -10.45 2.74
CA GLU A 62 -19.42 -10.22 3.48
C GLU A 62 -20.52 -9.80 2.55
N GLY A 63 -20.19 -8.99 1.56
CA GLY A 63 -21.16 -8.58 0.53
C GLY A 63 -21.74 -9.76 -0.22
N PHE A 64 -20.89 -10.69 -0.66
CA PHE A 64 -21.39 -11.87 -1.38
C PHE A 64 -22.16 -12.80 -0.48
N LEU A 65 -21.70 -12.91 0.77
CA LEU A 65 -22.42 -13.77 1.73
C LEU A 65 -23.84 -13.33 1.88
N ALA A 66 -24.09 -12.03 1.81
CA ALA A 66 -25.44 -11.51 2.06
C ALA A 66 -26.41 -11.88 0.96
N VAL A 67 -25.94 -12.22 -0.23
CA VAL A 67 -26.81 -12.51 -1.36
C VAL A 67 -26.63 -13.92 -1.89
N THR A 68 -25.87 -14.77 -1.21
CA THR A 68 -25.56 -16.08 -1.76
C THR A 68 -26.00 -17.10 -0.71
N GLN A 69 -26.61 -18.18 -1.16
CA GLN A 69 -27.14 -19.24 -0.26
C GLN A 69 -25.97 -20.15 0.12
N HIS A 70 -25.76 -20.26 1.42
CA HIS A 70 -24.71 -21.07 1.96
C HIS A 70 -25.19 -21.66 3.27
N ASP A 71 -24.68 -22.85 3.60
CA ASP A 71 -24.73 -23.37 4.98
C ASP A 71 -23.93 -22.45 5.87
N GLU A 72 -24.35 -22.34 7.12
CA GLU A 72 -23.59 -21.61 8.15
C GLU A 72 -22.09 -21.97 8.23
N ALA A 73 -21.75 -23.23 8.34
CA ALA A 73 -20.39 -23.62 8.31
C ALA A 73 -19.64 -23.12 7.08
N THR A 74 -20.31 -23.05 5.93
CA THR A 74 -19.70 -22.55 4.70
C THR A 74 -19.47 -21.03 4.83
N LYS A 75 -20.46 -20.31 5.38
CA LYS A 75 -20.27 -18.87 5.60
C LYS A 75 -19.03 -18.62 6.49
N GLU A 76 -18.89 -19.45 7.53
CA GLU A 76 -17.79 -19.30 8.48
C GLU A 76 -16.45 -19.59 7.81
N ARG A 77 -16.42 -20.59 6.96
CA ARG A 77 -15.26 -20.92 6.20
C ARG A 77 -14.83 -19.77 5.27
N ILE A 78 -15.80 -19.23 4.56
CA ILE A 78 -15.52 -18.17 3.64
C ILE A 78 -14.99 -16.95 4.41
N LEU A 79 -15.63 -16.60 5.50
CA LEU A 79 -15.11 -15.50 6.35
C LEU A 79 -13.75 -15.76 6.89
N HIS A 80 -13.49 -16.99 7.33
CA HIS A 80 -12.17 -17.31 7.83
C HIS A 80 -11.12 -17.16 6.72
N ASP A 81 -11.43 -17.69 5.53
CA ASP A 81 -10.57 -17.50 4.35
C ASP A 81 -10.30 -16.02 4.04
N ALA A 82 -11.32 -15.18 4.07
CA ALA A 82 -11.16 -13.79 3.79
C ALA A 82 -10.19 -13.14 4.78
N CYS A 83 -10.34 -13.49 6.06
CA CYS A 83 -9.47 -13.00 7.17
C CYS A 83 -8.06 -13.45 6.94
N VAL A 84 -7.85 -14.70 6.65
CA VAL A 84 -6.51 -15.20 6.33
C VAL A 84 -5.92 -14.50 5.13
N GLY A 85 -6.72 -14.35 4.08
CA GLY A 85 -6.31 -13.65 2.87
C GLY A 85 -5.95 -12.19 3.17
N GLY A 86 -6.83 -11.55 3.93
CA GLY A 86 -6.58 -10.22 4.47
C GLY A 86 -5.22 -10.12 5.14
N TRP A 87 -4.93 -11.00 6.07
CA TRP A 87 -3.66 -11.01 6.76
C TRP A 87 -2.52 -11.24 5.83
N MET A 88 -2.69 -12.04 4.79
CA MET A 88 -1.63 -12.14 3.80
C MET A 88 -1.24 -10.78 3.25
N ILE A 89 -2.23 -9.94 2.95
CA ILE A 89 -1.97 -8.72 2.31
C ILE A 89 -1.39 -7.78 3.34
N GLU A 90 -1.89 -7.85 4.57
CA GLU A 90 -1.27 -7.05 5.65
C GLU A 90 0.18 -7.42 5.89
N PHE A 91 0.47 -8.70 5.89
CA PHE A 91 1.85 -9.11 6.11
C PHE A 91 2.72 -8.64 4.92
N LEU A 92 2.16 -8.69 3.71
CA LEU A 92 2.88 -8.26 2.50
C LEU A 92 3.24 -6.79 2.66
N GLN A 93 2.24 -6.02 3.09
CA GLN A 93 2.50 -4.63 3.45
C GLN A 93 3.60 -4.46 4.47
N ALA A 94 3.51 -5.18 5.57
CA ALA A 94 4.52 -5.13 6.63
C ALA A 94 5.91 -5.40 6.08
N HIS A 95 6.03 -6.41 5.18
CA HIS A 95 7.33 -6.64 4.51
C HIS A 95 7.86 -5.35 3.83
N TYR A 96 7.01 -4.75 3.01
CA TYR A 96 7.36 -3.62 2.19
C TYR A 96 7.66 -2.39 3.09
N LEU A 97 6.93 -2.23 4.15
CA LEU A 97 7.19 -1.13 5.01
C LEU A 97 8.53 -1.26 5.73
N VAL A 98 8.85 -2.46 6.23
CA VAL A 98 10.12 -2.67 6.93
C VAL A 98 11.26 -2.41 5.97
N GLU A 99 11.18 -2.97 4.78
CA GLU A 99 12.27 -2.85 3.85
C GLU A 99 12.37 -1.38 3.33
N ASP A 100 11.23 -0.72 3.09
CA ASP A 100 11.22 0.64 2.56
C ASP A 100 11.80 1.59 3.60
N ASP A 101 11.47 1.37 4.87
CA ASP A 101 11.95 2.24 5.94
C ASP A 101 13.50 2.15 5.96
N ILE A 102 14.02 0.94 5.82
CA ILE A 102 15.45 0.74 5.74
C ILE A 102 16.04 1.38 4.55
N MET A 103 15.45 1.11 3.39
CA MET A 103 15.89 1.68 2.12
C MET A 103 16.02 3.20 2.15
N ASP A 104 15.05 3.84 2.80
CA ASP A 104 14.89 5.27 2.79
C ASP A 104 15.51 5.97 4.00
N GLY A 105 16.11 5.24 4.92
CA GLY A 105 16.56 5.75 6.19
C GLY A 105 15.50 6.50 6.95
N SER A 106 14.29 5.98 6.90
CA SER A 106 13.20 6.61 7.62
C SER A 106 13.34 6.47 9.12
N VAL A 107 12.70 7.39 9.79
CA VAL A 107 12.89 7.51 11.24
C VAL A 107 11.74 6.97 12.01
N MET A 108 10.53 7.35 11.61
CA MET A 108 9.34 6.90 12.28
C MET A 108 8.35 6.32 11.31
N ARG A 109 7.42 5.56 11.85
CA ARG A 109 6.29 4.98 11.06
C ARG A 109 5.15 4.77 12.07
N ARG A 110 3.97 5.35 11.80
CA ARG A 110 2.78 5.29 12.69
C ARG A 110 3.06 5.80 14.16
N GLY A 111 3.89 6.82 14.33
CA GLY A 111 4.26 7.31 15.68
C GLY A 111 5.17 6.47 16.58
N LYS A 112 5.84 5.46 15.99
CA LYS A 112 6.82 4.64 16.70
C LYS A 112 8.06 4.63 15.81
N PRO A 113 9.21 4.26 16.36
CA PRO A 113 10.42 4.18 15.54
C PRO A 113 10.25 3.05 14.49
N CYS A 114 10.76 3.28 13.31
CA CYS A 114 10.87 2.21 12.33
C CYS A 114 11.51 0.96 12.95
N TRP A 115 10.99 -0.21 12.56
CA TRP A 115 11.49 -1.47 13.13
C TRP A 115 13.03 -1.60 13.14
N TYR A 116 13.71 -1.31 12.04
CA TYR A 116 15.17 -1.40 12.04
C TYR A 116 15.92 -0.55 13.14
N ARG A 117 15.28 0.50 13.63
CA ARG A 117 15.87 1.35 14.65
C ARG A 117 15.66 0.89 16.08
N PHE A 118 14.88 -0.17 16.28
CA PHE A 118 14.72 -0.72 17.61
C PHE A 118 16.12 -1.19 18.09
N PRO A 119 16.49 -0.91 19.37
CA PRO A 119 17.85 -1.20 19.81
C PRO A 119 18.36 -2.60 19.55
N GLY A 120 17.49 -3.58 19.73
CA GLY A 120 17.90 -4.96 19.61
C GLY A 120 17.52 -5.61 18.28
N VAL A 121 17.24 -4.80 17.29
CA VAL A 121 16.90 -5.24 15.94
C VAL A 121 18.14 -4.96 15.07
N THR A 122 18.34 -3.70 14.70
CA THR A 122 19.33 -3.25 13.74
C THR A 122 19.04 -3.69 12.32
N THR A 123 19.71 -3.03 11.38
CA THR A 123 19.41 -3.23 10.00
C THR A 123 19.75 -4.70 9.66
N GLN A 124 20.77 -5.22 10.27
CA GLN A 124 21.25 -6.56 9.84
C GLN A 124 20.12 -7.61 10.06
N CYS A 125 19.45 -7.50 11.20
CA CYS A 125 18.30 -8.33 11.50
C CYS A 125 17.05 -7.87 10.73
N ALA A 126 16.79 -6.55 10.66
CA ALA A 126 15.53 -6.03 10.12
C ALA A 126 15.39 -6.44 8.64
N ILE A 127 16.46 -6.47 7.85
CA ILE A 127 16.32 -6.86 6.41
C ILE A 127 15.76 -8.27 6.36
N ASN A 128 16.35 -9.16 7.16
CA ASN A 128 15.85 -10.55 7.29
C ASN A 128 14.48 -10.67 7.89
N ASP A 129 14.16 -9.84 8.90
CA ASP A 129 12.81 -9.92 9.49
C ASP A 129 11.77 -9.58 8.39
N GLY A 130 12.11 -8.66 7.50
CA GLY A 130 11.23 -8.27 6.41
C GLY A 130 11.02 -9.43 5.43
N ILE A 131 12.08 -10.17 5.20
CA ILE A 131 12.05 -11.37 4.35
C ILE A 131 11.10 -12.43 4.93
N ILE A 132 11.31 -12.69 6.20
CA ILE A 132 10.41 -13.57 6.98
C ILE A 132 8.95 -13.13 6.86
N LEU A 133 8.68 -11.83 7.00
CA LEU A 133 7.34 -11.33 6.84
C LEU A 133 6.65 -11.75 5.54
N LYS A 134 7.38 -11.59 4.44
CA LYS A 134 6.82 -12.05 3.20
C LYS A 134 6.72 -13.60 3.15
N SER A 135 7.77 -14.34 3.57
CA SER A 135 7.64 -15.83 3.65
C SER A 135 6.39 -16.27 4.42
N TRP A 136 6.07 -15.61 5.53
CA TRP A 136 4.87 -15.96 6.26
C TRP A 136 3.55 -15.89 5.45
N THR A 137 3.49 -14.96 4.46
CA THR A 137 2.30 -14.89 3.61
C THR A 137 2.11 -16.22 2.92
N GLN A 138 3.20 -16.79 2.45
CA GLN A 138 3.13 -18.06 1.72
C GLN A 138 2.89 -19.22 2.69
N ILE A 139 3.52 -19.21 3.83
CA ILE A 139 3.25 -20.27 4.84
C ILE A 139 1.77 -20.26 5.21
N MET A 140 1.20 -19.08 5.46
CA MET A 140 -0.26 -19.01 5.77
C MET A 140 -1.05 -19.61 4.63
N ALA A 141 -0.77 -19.19 3.39
CA ALA A 141 -1.62 -19.59 2.27
C ALA A 141 -1.63 -21.13 2.12
N TRP A 142 -0.45 -21.72 2.11
CA TRP A 142 -0.31 -23.14 1.91
C TRP A 142 -0.98 -23.95 3.03
N HIS A 143 -0.87 -23.48 4.25
CA HIS A 143 -1.50 -24.15 5.38
C HIS A 143 -3.05 -24.04 5.31
N TYR A 144 -3.61 -22.82 5.24
CA TYR A 144 -5.08 -22.64 5.33
C TYR A 144 -5.79 -22.95 4.03
N PHE A 145 -5.08 -22.82 2.93
CA PHE A 145 -5.68 -22.88 1.58
C PHE A 145 -5.29 -24.07 0.72
N ALA A 146 -4.58 -25.03 1.26
CA ALA A 146 -4.06 -26.18 0.58
C ALA A 146 -5.12 -26.91 -0.27
N ASP A 147 -6.31 -27.12 0.24
CA ASP A 147 -7.31 -27.88 -0.54
C ASP A 147 -8.37 -26.97 -1.19
N ARG A 148 -8.12 -25.67 -1.28
CA ARG A 148 -9.14 -24.73 -1.78
C ARG A 148 -9.05 -24.63 -3.30
N PRO A 149 -10.19 -24.56 -3.98
CA PRO A 149 -10.25 -24.40 -5.43
C PRO A 149 -9.56 -23.14 -5.96
N PHE A 150 -9.53 -22.08 -5.15
CA PHE A 150 -8.96 -20.80 -5.53
C PHE A 150 -7.48 -20.68 -5.28
N LEU A 151 -6.82 -21.67 -4.67
CA LEU A 151 -5.43 -21.46 -4.25
C LEU A 151 -4.52 -21.09 -5.39
N LYS A 152 -4.67 -21.76 -6.54
CA LYS A 152 -3.83 -21.48 -7.71
C LYS A 152 -3.99 -20.04 -8.14
N ASP A 153 -5.23 -19.62 -8.34
CA ASP A 153 -5.50 -18.23 -8.81
C ASP A 153 -4.99 -17.25 -7.75
N LEU A 154 -5.24 -17.54 -6.46
CA LEU A 154 -4.84 -16.65 -5.37
C LEU A 154 -3.30 -16.46 -5.30
N LEU A 155 -2.58 -17.56 -5.35
CA LEU A 155 -1.11 -17.50 -5.35
C LEU A 155 -0.59 -16.74 -6.56
N CYS A 156 -1.16 -17.01 -7.76
CA CYS A 156 -0.68 -16.42 -8.99
C CYS A 156 -0.88 -14.90 -8.99
N LEU A 157 -2.03 -14.48 -8.50
CA LEU A 157 -2.34 -13.05 -8.37
C LEU A 157 -1.44 -12.36 -7.32
N PHE A 158 -1.27 -13.05 -6.20
CA PHE A 158 -0.47 -12.55 -5.10
C PHE A 158 0.94 -12.25 -5.56
N GLN A 159 1.48 -13.22 -6.29
N GLN A 159 1.56 -13.15 -6.30
CA GLN A 159 2.79 -13.26 -6.89
CA GLN A 159 2.95 -12.91 -6.70
C GLN A 159 3.01 -12.07 -7.84
C GLN A 159 3.06 -11.93 -7.85
N LYS A 160 2.06 -11.88 -8.74
CA LYS A 160 2.07 -10.81 -9.75
C LYS A 160 2.02 -9.42 -9.05
N VAL A 161 1.18 -9.33 -8.04
CA VAL A 161 1.08 -8.08 -7.27
C VAL A 161 2.36 -7.71 -6.49
N ASP A 162 2.92 -8.69 -5.83
CA ASP A 162 4.22 -8.55 -5.14
C ASP A 162 5.27 -8.02 -6.12
N TYR A 163 5.37 -8.66 -7.26
CA TYR A 163 6.35 -8.27 -8.28
C TYR A 163 6.08 -6.82 -8.79
N ALA A 164 4.82 -6.53 -9.11
CA ALA A 164 4.42 -5.19 -9.48
C ALA A 164 4.90 -4.21 -8.42
N THR A 165 4.68 -4.54 -7.13
CA THR A 165 5.00 -3.66 -6.02
C THR A 165 6.53 -3.40 -6.02
N ALA A 166 7.33 -4.46 -6.19
CA ALA A 166 8.80 -4.27 -6.21
C ALA A 166 9.25 -3.45 -7.43
N VAL A 167 8.61 -3.66 -8.58
CA VAL A 167 8.88 -2.82 -9.77
C VAL A 167 8.55 -1.33 -9.49
N GLY A 168 7.45 -1.11 -8.80
CA GLY A 168 7.01 0.19 -8.41
C GLY A 168 7.99 0.86 -7.46
N GLN A 169 8.52 0.09 -6.52
CA GLN A 169 9.54 0.60 -5.61
C GLN A 169 10.77 1.08 -6.41
N MET A 170 11.18 0.34 -7.42
CA MET A 170 12.25 0.73 -8.29
C MET A 170 11.88 2.03 -9.02
N TYR A 171 10.66 2.12 -9.53
CA TYR A 171 10.21 3.39 -10.20
C TYR A 171 10.35 4.58 -9.23
N ASP A 172 9.98 4.37 -7.99
CA ASP A 172 9.94 5.38 -6.99
C ASP A 172 11.35 5.82 -6.54
N VAL A 173 12.21 4.85 -6.22
CA VAL A 173 13.58 5.22 -5.69
C VAL A 173 14.42 5.84 -6.79
N THR A 174 14.12 5.53 -8.05
CA THR A 174 14.81 6.16 -9.19
C THR A 174 14.15 7.45 -9.74
N SER A 175 13.07 7.93 -9.15
CA SER A 175 12.26 8.88 -9.80
C SER A 175 12.94 10.32 -9.91
N MET A 176 14.02 10.52 -9.21
CA MET A 176 14.71 11.80 -9.25
C MET A 176 16.02 11.72 -9.98
N CYS A 177 16.24 10.59 -10.67
CA CYS A 177 17.31 10.44 -11.61
C CYS A 177 16.82 10.68 -13.02
N ASP A 178 17.76 10.97 -13.92
CA ASP A 178 17.49 11.04 -15.33
C ASP A 178 17.61 9.65 -15.88
N SER A 179 16.54 9.14 -16.50
CA SER A 179 16.52 7.80 -17.04
C SER A 179 17.73 7.44 -17.89
N ASN A 180 18.12 8.35 -18.77
CA ASN A 180 19.21 8.13 -19.71
C ASN A 180 20.56 7.93 -19.02
N LYS A 181 20.71 8.41 -17.77
CA LYS A 181 21.90 8.21 -16.97
C LYS A 181 21.93 7.05 -16.00
N LEU A 182 20.86 6.28 -15.86
CA LEU A 182 20.89 5.16 -14.97
C LEU A 182 21.90 4.16 -15.43
N ASP A 183 22.72 3.75 -14.51
CA ASP A 183 23.85 2.87 -14.81
C ASP A 183 24.39 2.38 -13.47
N PRO A 184 24.37 1.06 -13.21
CA PRO A 184 24.93 0.53 -11.94
C PRO A 184 26.36 0.90 -11.68
N GLU A 185 27.12 1.15 -12.76
CA GLU A 185 28.54 1.58 -12.65
C GLU A 185 28.80 3.04 -12.28
N VAL A 186 27.79 3.91 -12.31
CA VAL A 186 28.01 5.35 -12.15
C VAL A 186 27.08 5.92 -11.10
N ALA A 187 27.67 6.59 -10.12
CA ALA A 187 26.87 7.17 -9.05
C ALA A 187 25.85 8.15 -9.72
N GLN A 188 24.63 8.10 -9.19
CA GLN A 188 23.47 8.78 -9.83
C GLN A 188 23.24 10.17 -9.37
N PRO A 189 23.38 11.16 -10.31
CA PRO A 189 23.10 12.55 -9.94
C PRO A 189 21.61 12.79 -9.86
N MET A 190 21.17 13.63 -8.97
CA MET A 190 19.75 14.13 -9.04
C MET A 190 19.49 14.85 -10.37
N THR A 191 18.26 14.71 -10.95
CA THR A 191 17.91 15.45 -12.19
C THR A 191 18.10 16.98 -11.93
N THR A 192 18.56 17.69 -12.97
CA THR A 192 18.61 19.14 -12.88
C THR A 192 17.39 19.78 -13.64
N ASP A 193 16.93 19.15 -14.72
CA ASP A 193 15.79 19.71 -15.47
C ASP A 193 14.36 19.34 -14.91
N PHE A 194 14.21 18.29 -14.12
CA PHE A 194 12.90 17.82 -13.68
C PHE A 194 11.98 17.48 -14.87
N ALA A 195 12.56 17.16 -16.01
CA ALA A 195 11.80 16.82 -17.20
C ALA A 195 10.95 15.57 -16.99
N GLU A 196 11.41 14.66 -16.13
CA GLU A 196 10.60 13.43 -15.88
C GLU A 196 9.59 13.61 -14.78
N PHE A 197 9.35 14.82 -14.29
CA PHE A 197 8.32 15.03 -13.28
C PHE A 197 7.05 15.39 -14.02
N THR A 198 6.44 14.39 -14.65
CA THR A 198 5.25 14.58 -15.42
C THR A 198 4.11 13.74 -14.87
N PRO A 199 2.89 14.05 -15.34
CA PRO A 199 1.81 13.22 -14.84
C PRO A 199 1.95 11.77 -15.26
N ALA A 200 2.39 11.49 -16.47
CA ALA A 200 2.37 10.11 -16.92
C ALA A 200 3.34 9.29 -16.05
N ILE A 201 4.50 9.92 -15.76
CA ILE A 201 5.55 9.27 -15.03
C ILE A 201 5.16 9.04 -13.61
N TYR A 202 4.66 10.09 -12.98
CA TYR A 202 4.07 10.01 -11.67
C TYR A 202 3.03 8.89 -11.58
N LYS A 203 2.11 8.87 -12.55
CA LYS A 203 1.07 7.84 -12.64
C LYS A 203 1.69 6.44 -12.63
N ARG A 204 2.77 6.26 -13.39
CA ARG A 204 3.43 4.93 -13.46
C ARG A 204 4.00 4.51 -12.09
N ILE A 205 4.65 5.45 -11.40
CA ILE A 205 5.22 5.19 -10.11
C ILE A 205 4.08 4.69 -9.15
N VAL A 206 2.99 5.41 -9.10
CA VAL A 206 2.03 5.18 -8.07
C VAL A 206 1.29 3.86 -8.40
N LYS A 207 0.95 3.70 -9.65
CA LYS A 207 0.21 2.52 -10.09
C LYS A 207 0.93 1.26 -9.61
N TYR A 208 2.24 1.20 -9.83
CA TYR A 208 3.00 -0.03 -9.41
C TYR A 208 3.31 -0.08 -7.92
N LYS A 209 3.69 1.04 -7.35
CA LYS A 209 4.22 0.98 -6.03
C LYS A 209 3.12 0.79 -4.97
N THR A 210 1.91 1.28 -5.26
CA THR A 210 0.86 1.24 -4.29
C THR A 210 -0.41 0.55 -4.78
N THR A 211 -0.89 0.82 -5.98
CA THR A 211 -2.32 0.46 -6.25
C THR A 211 -2.57 -1.03 -6.33
N PHE A 212 -1.58 -1.78 -6.80
CA PHE A 212 -1.76 -3.19 -6.99
C PHE A 212 -1.91 -3.82 -5.65
N TYR A 213 -1.09 -3.50 -4.64
CA TYR A 213 -1.21 -4.21 -3.32
C TYR A 213 -2.27 -3.56 -2.42
N THR A 214 -2.60 -2.29 -2.70
CA THR A 214 -3.51 -1.59 -1.76
C THR A 214 -5.01 -1.74 -2.19
N TYR A 215 -5.27 -1.84 -3.48
CA TYR A 215 -6.66 -1.92 -4.02
C TYR A 215 -6.94 -3.12 -4.82
N LEU A 216 -6.12 -3.45 -5.83
CA LEU A 216 -6.42 -4.51 -6.69
C LEU A 216 -6.36 -5.85 -5.93
N LEU A 217 -5.32 -6.05 -5.13
CA LEU A 217 -5.19 -7.34 -4.40
C LEU A 217 -6.36 -7.60 -3.43
N PRO A 218 -6.71 -6.65 -2.56
CA PRO A 218 -7.82 -6.91 -1.61
C PRO A 218 -9.16 -7.19 -2.31
N LEU A 219 -9.42 -6.43 -3.39
CA LEU A 219 -10.66 -6.57 -4.11
C LEU A 219 -10.71 -7.93 -4.75
N VAL A 220 -9.67 -8.25 -5.47
CA VAL A 220 -9.69 -9.51 -6.22
C VAL A 220 -9.62 -10.70 -5.23
N MET A 221 -8.87 -10.55 -4.14
CA MET A 221 -8.80 -11.66 -3.17
C MET A 221 -10.18 -11.89 -2.56
N GLY A 222 -10.93 -10.83 -2.23
CA GLY A 222 -12.33 -11.01 -1.77
C GLY A 222 -13.17 -11.80 -2.79
N LEU A 223 -12.99 -11.50 -4.07
CA LEU A 223 -13.69 -12.22 -5.14
C LEU A 223 -13.26 -13.67 -5.17
N LEU A 224 -11.96 -13.93 -5.08
CA LEU A 224 -11.51 -15.32 -5.13
C LEU A 224 -11.98 -16.17 -3.94
N VAL A 225 -11.93 -15.64 -2.71
CA VAL A 225 -12.28 -16.51 -1.57
C VAL A 225 -13.82 -16.70 -1.60
N SER A 226 -14.51 -15.82 -2.32
CA SER A 226 -15.97 -15.89 -2.54
C SER A 226 -16.42 -16.73 -3.76
N GLU A 227 -15.44 -17.20 -4.52
CA GLU A 227 -15.64 -17.93 -5.78
C GLU A 227 -16.62 -17.16 -6.67
N ALA A 228 -16.29 -15.87 -6.81
CA ALA A 228 -17.12 -14.89 -7.47
C ALA A 228 -16.39 -14.08 -8.51
N ALA A 229 -15.17 -14.39 -8.88
CA ALA A 229 -14.51 -13.67 -9.98
C ALA A 229 -15.29 -13.66 -11.31
N ALA A 230 -16.26 -14.56 -11.56
CA ALA A 230 -17.15 -14.34 -12.74
C ALA A 230 -18.43 -13.53 -12.47
N SER A 231 -18.66 -13.01 -11.28
CA SER A 231 -19.64 -11.94 -11.09
C SER A 231 -19.20 -10.58 -11.64
N VAL A 232 -17.94 -10.44 -12.09
CA VAL A 232 -17.40 -9.14 -12.42
C VAL A 232 -16.59 -9.10 -13.70
N GLU A 233 -16.46 -7.90 -14.23
CA GLU A 233 -15.72 -7.61 -15.41
C GLU A 233 -14.31 -7.25 -14.85
N MET A 234 -13.30 -8.11 -15.06
CA MET A 234 -12.01 -7.86 -14.39
C MET A 234 -11.34 -6.55 -14.85
N ASN A 235 -11.50 -6.17 -16.14
CA ASN A 235 -10.93 -4.94 -16.61
C ASN A 235 -11.44 -3.74 -15.80
N LEU A 236 -12.71 -3.80 -15.38
CA LEU A 236 -13.27 -2.74 -14.55
C LEU A 236 -12.72 -2.73 -13.17
N VAL A 237 -12.52 -3.89 -12.58
CA VAL A 237 -11.88 -3.98 -11.25
C VAL A 237 -10.48 -3.32 -11.27
N GLU A 238 -9.74 -3.60 -12.33
CA GLU A 238 -8.40 -3.02 -12.45
C GLU A 238 -8.45 -1.53 -12.56
N ARG A 239 -9.31 -1.04 -13.48
CA ARG A 239 -9.46 0.39 -13.65
C ARG A 239 -9.88 1.11 -12.41
N VAL A 240 -10.84 0.57 -11.68
CA VAL A 240 -11.26 1.26 -10.47
C VAL A 240 -10.18 1.20 -9.39
N ALA A 241 -9.50 0.06 -9.27
CA ALA A 241 -8.38 -0.11 -8.36
C ALA A 241 -7.31 0.95 -8.62
N HIS A 242 -6.93 1.08 -9.88
CA HIS A 242 -5.84 2.00 -10.29
C HIS A 242 -6.22 3.40 -10.07
N LEU A 243 -7.50 3.74 -10.33
CA LEU A 243 -8.01 5.05 -10.01
C LEU A 243 -8.05 5.42 -8.54
N ILE A 244 -8.70 4.61 -7.72
CA ILE A 244 -8.82 4.98 -6.31
C ILE A 244 -7.43 4.94 -5.60
N GLY A 245 -6.62 3.99 -6.04
CA GLY A 245 -5.26 3.86 -5.70
C GLY A 245 -4.36 5.08 -6.00
N GLU A 246 -4.49 5.66 -7.19
CA GLU A 246 -3.75 6.89 -7.42
C GLU A 246 -4.21 8.02 -6.52
N TYR A 247 -5.52 8.13 -6.28
CA TYR A 247 -6.05 9.14 -5.44
C TYR A 247 -5.55 8.93 -4.00
N PHE A 248 -5.49 7.66 -3.51
CA PHE A 248 -4.97 7.40 -2.18
C PHE A 248 -3.52 7.97 -2.10
N GLN A 249 -2.70 7.72 -3.11
CA GLN A 249 -1.36 8.23 -3.07
C GLN A 249 -1.20 9.74 -3.22
N VAL A 250 -2.04 10.40 -4.02
CA VAL A 250 -2.01 11.87 -4.05
C VAL A 250 -2.26 12.39 -2.67
N GLN A 251 -3.28 11.88 -2.03
CA GLN A 251 -3.57 12.18 -0.59
C GLN A 251 -2.38 12.03 0.36
N ASP A 252 -1.65 10.92 0.24
CA ASP A 252 -0.46 10.71 1.09
C ASP A 252 0.63 11.71 0.75
N ASP A 253 0.80 12.02 -0.54
CA ASP A 253 1.78 13.05 -0.97
C ASP A 253 1.48 14.41 -0.38
N VAL A 254 0.23 14.80 -0.43
CA VAL A 254 -0.13 16.10 0.16
C VAL A 254 0.08 16.16 1.64
N MET A 255 -0.19 15.04 2.29
CA MET A 255 -0.06 14.92 3.74
C MET A 255 1.38 14.91 4.15
N ASP A 256 2.24 14.29 3.32
CA ASP A 256 3.68 14.32 3.64
C ASP A 256 4.17 15.73 3.87
N CYS A 257 3.77 16.63 2.99
CA CYS A 257 4.17 18.02 3.00
C CYS A 257 3.43 18.82 4.07
N PHE A 258 2.12 18.65 4.19
CA PHE A 258 1.34 19.61 5.02
C PHE A 258 0.69 19.11 6.29
N THR A 259 0.55 17.82 6.50
CA THR A 259 -0.04 17.29 7.74
C THR A 259 1.00 17.37 8.86
N PRO A 260 0.64 17.97 10.05
CA PRO A 260 1.67 18.11 11.08
C PRO A 260 2.14 16.73 11.58
N PRO A 261 3.41 16.61 11.99
CA PRO A 261 3.98 15.28 12.20
C PRO A 261 3.26 14.32 13.19
N GLU A 262 2.64 14.89 14.23
CA GLU A 262 1.84 14.16 15.23
C GLU A 262 0.62 13.47 14.60
N GLN A 263 -0.07 14.13 13.67
CA GLN A 263 -1.16 13.42 12.98
C GLN A 263 -0.62 12.53 11.84
N LEU A 264 0.43 12.95 11.15
CA LEU A 264 1.00 12.09 10.09
C LEU A 264 1.60 10.79 10.71
N GLY A 265 2.17 10.87 11.93
CA GLY A 265 2.96 9.75 12.56
C GLY A 265 4.46 9.72 12.21
N LYS A 266 4.96 10.82 11.66
CA LYS A 266 6.35 10.96 11.21
C LYS A 266 6.54 12.39 10.71
N VAL A 267 7.80 12.80 10.57
CA VAL A 267 8.19 14.08 9.91
C VAL A 267 8.37 13.66 8.42
N GLY A 268 7.50 14.13 7.53
CA GLY A 268 7.63 13.86 6.09
C GLY A 268 8.89 14.53 5.54
N THR A 269 9.53 13.86 4.59
CA THR A 269 10.81 14.28 4.00
C THR A 269 10.80 14.13 2.45
N ASP A 270 9.61 14.08 1.79
CA ASP A 270 9.55 14.01 0.30
C ASP A 270 10.31 15.11 -0.42
N ILE A 271 10.25 16.33 0.14
CA ILE A 271 10.98 17.48 -0.44
C ILE A 271 12.51 17.26 -0.38
N GLU A 272 13.00 16.88 0.80
CA GLU A 272 14.46 16.63 1.03
C GLU A 272 14.96 15.47 0.16
N ASP A 273 14.08 14.50 0.00
CA ASP A 273 14.33 13.26 -0.75
C ASP A 273 14.11 13.42 -2.23
N ALA A 274 13.64 14.60 -2.68
CA ALA A 274 13.41 14.89 -4.09
C ALA A 274 12.42 13.93 -4.80
N LYS A 275 11.45 13.47 -4.04
CA LYS A 275 10.45 12.52 -4.57
C LYS A 275 9.59 13.19 -5.62
N CYS A 276 9.20 12.37 -6.63
CA CYS A 276 8.31 12.80 -7.67
C CYS A 276 6.89 12.72 -7.06
N SER A 277 6.49 13.73 -6.32
CA SER A 277 5.18 13.79 -5.62
C SER A 277 4.15 14.48 -6.48
N TRP A 278 2.88 14.31 -6.13
CA TRP A 278 1.87 14.98 -6.85
C TRP A 278 2.05 16.51 -6.68
N LEU A 279 2.52 16.94 -5.53
CA LEU A 279 2.73 18.37 -5.32
C LEU A 279 3.77 18.89 -6.32
N ALA A 280 4.88 18.17 -6.48
CA ALA A 280 5.97 18.66 -7.27
C ALA A 280 5.57 18.71 -8.77
N VAL A 281 4.93 17.62 -9.25
CA VAL A 281 4.49 17.53 -10.61
C VAL A 281 3.47 18.64 -10.88
N THR A 282 2.54 18.84 -9.94
CA THR A 282 1.48 19.78 -10.20
C THR A 282 2.04 21.25 -10.18
N PHE A 283 2.92 21.52 -9.24
CA PHE A 283 3.62 22.82 -9.17
C PHE A 283 4.35 23.09 -10.45
N LEU A 284 5.13 22.14 -10.91
CA LEU A 284 5.82 22.30 -12.15
C LEU A 284 4.90 22.47 -13.37
N GLY A 285 3.67 21.93 -13.28
CA GLY A 285 2.73 22.05 -14.37
C GLY A 285 2.08 23.44 -14.41
N LYS A 286 2.25 24.28 -13.38
CA LYS A 286 1.61 25.60 -13.41
C LYS A 286 2.55 26.78 -13.19
N ALA A 287 3.81 26.47 -12.93
CA ALA A 287 4.79 27.49 -12.47
C ALA A 287 5.26 28.34 -13.63
N ASN A 288 5.62 29.60 -13.33
CA ASN A 288 6.32 30.47 -14.30
C ASN A 288 7.88 30.21 -14.28
N ALA A 289 8.64 30.87 -15.15
CA ALA A 289 10.08 30.58 -15.27
C ALA A 289 10.85 30.81 -13.97
N ALA A 290 10.49 31.89 -13.30
CA ALA A 290 11.11 32.24 -12.02
C ALA A 290 10.78 31.23 -10.89
N GLN A 291 9.52 30.82 -10.83
CA GLN A 291 9.02 29.82 -9.91
C GLN A 291 9.70 28.46 -10.15
N VAL A 292 9.89 28.04 -11.40
CA VAL A 292 10.65 26.82 -11.74
C VAL A 292 12.10 26.91 -11.24
N ALA A 293 12.72 28.08 -11.45
CA ALA A 293 14.16 28.27 -11.19
C ALA A 293 14.41 28.15 -9.70
N GLU A 294 13.50 28.73 -8.92
CA GLU A 294 13.57 28.72 -7.47
C GLU A 294 13.30 27.31 -6.93
N PHE A 295 12.36 26.60 -7.56
CA PHE A 295 12.11 25.22 -7.16
C PHE A 295 13.40 24.39 -7.37
N LYS A 296 13.99 24.51 -8.54
CA LYS A 296 15.21 23.82 -8.82
C LYS A 296 16.31 24.23 -7.85
N ALA A 297 16.40 25.50 -7.43
CA ALA A 297 17.49 25.85 -6.44
C ALA A 297 17.27 25.27 -5.07
N ASN A 298 16.06 24.85 -4.74
CA ASN A 298 15.76 24.49 -3.36
C ASN A 298 15.33 23.01 -3.14
N TYR A 299 14.93 22.29 -4.20
CA TYR A 299 14.29 20.97 -3.98
C TYR A 299 15.41 19.92 -3.78
N GLY A 300 15.14 18.93 -2.94
CA GLY A 300 15.97 17.79 -2.81
C GLY A 300 17.24 18.07 -2.00
N GLU A 301 17.16 18.94 -1.03
CA GLU A 301 18.29 19.34 -0.20
C GLU A 301 17.82 19.32 1.23
N LYS A 302 18.70 18.97 2.17
CA LYS A 302 18.28 18.76 3.57
C LYS A 302 18.10 20.08 4.35
N ASP A 303 18.89 21.08 4.02
CA ASP A 303 18.73 22.42 4.59
C ASP A 303 17.22 22.82 4.81
N PRO A 304 16.76 22.93 6.07
CA PRO A 304 15.37 23.31 6.32
C PRO A 304 14.98 24.65 5.71
N ALA A 305 15.92 25.59 5.57
CA ALA A 305 15.61 26.87 4.87
C ALA A 305 15.13 26.57 3.43
N LYS A 306 15.79 25.62 2.77
CA LYS A 306 15.48 25.26 1.39
C LYS A 306 14.17 24.52 1.29
N VAL A 307 13.94 23.59 2.21
CA VAL A 307 12.62 22.94 2.32
C VAL A 307 11.46 23.96 2.52
N ALA A 308 11.74 25.05 3.23
CA ALA A 308 10.72 26.06 3.58
C ALA A 308 10.42 26.88 2.34
N VAL A 309 11.44 27.12 1.52
CA VAL A 309 11.23 27.84 0.27
C VAL A 309 10.29 27.01 -0.64
N VAL A 310 10.59 25.70 -0.76
CA VAL A 310 9.70 24.75 -1.52
C VAL A 310 8.26 24.74 -0.99
N LYS A 311 8.09 24.51 0.34
CA LYS A 311 6.74 24.62 0.94
C LYS A 311 6.02 25.96 0.68
N ARG A 312 6.78 27.05 0.62
CA ARG A 312 6.20 28.39 0.35
C ARG A 312 5.72 28.42 -1.10
N LEU A 313 6.58 28.02 -2.02
CA LEU A 313 6.27 27.96 -3.42
C LEU A 313 4.97 27.20 -3.65
N TYR A 314 4.80 26.10 -2.92
CA TYR A 314 3.60 25.25 -3.05
C TYR A 314 2.28 25.92 -2.59
N SER A 315 2.36 26.51 -1.40
CA SER A 315 1.21 27.26 -0.81
C SER A 315 0.78 28.42 -1.69
N LYS A 316 1.76 29.18 -2.16
CA LYS A 316 1.51 30.34 -3.02
C LYS A 316 1.19 29.98 -4.46
N ALA A 317 1.41 28.72 -4.87
CA ALA A 317 0.94 28.27 -6.18
C ALA A 317 -0.54 27.76 -6.15
N ASN A 318 -1.14 27.81 -4.97
CA ASN A 318 -2.53 27.50 -4.76
C ASN A 318 -2.84 26.10 -5.33
N LEU A 319 -2.10 25.13 -4.85
CA LEU A 319 -2.27 23.75 -5.27
C LEU A 319 -3.52 23.18 -4.63
N GLN A 320 -4.07 23.83 -3.60
CA GLN A 320 -5.36 23.46 -3.00
C GLN A 320 -6.44 23.36 -4.08
N ALA A 321 -6.44 24.32 -4.99
CA ALA A 321 -7.39 24.36 -6.09
C ALA A 321 -7.15 23.20 -7.08
N ASP A 322 -5.90 22.96 -7.44
CA ASP A 322 -5.62 21.82 -8.34
C ASP A 322 -6.09 20.52 -7.66
N PHE A 323 -5.91 20.44 -6.34
CA PHE A 323 -6.29 19.22 -5.62
C PHE A 323 -7.80 19.07 -5.70
N ALA A 324 -8.54 20.15 -5.52
CA ALA A 324 -10.04 20.06 -5.60
C ALA A 324 -10.48 19.60 -6.96
N ALA A 325 -9.88 20.12 -8.00
CA ALA A 325 -10.16 19.70 -9.38
C ALA A 325 -9.84 18.21 -9.65
N TYR A 326 -8.63 17.80 -9.23
CA TYR A 326 -8.23 16.39 -9.27
C TYR A 326 -9.28 15.53 -8.59
N GLU A 327 -9.67 15.90 -7.38
CA GLU A 327 -10.61 15.11 -6.58
C GLU A 327 -11.96 15.06 -7.29
N ALA A 328 -12.43 16.21 -7.79
CA ALA A 328 -13.68 16.23 -8.56
C ALA A 328 -13.65 15.29 -9.75
N GLU A 329 -12.53 15.22 -10.46
CA GLU A 329 -12.44 14.38 -11.64
C GLU A 329 -12.41 12.87 -11.22
N VAL A 330 -11.66 12.58 -10.17
CA VAL A 330 -11.65 11.20 -9.60
C VAL A 330 -13.09 10.79 -9.15
N VAL A 331 -13.78 11.64 -8.40
CA VAL A 331 -15.21 11.36 -8.08
C VAL A 331 -16.03 11.05 -9.34
N ARG A 332 -15.88 11.79 -10.42
CA ARG A 332 -16.67 11.53 -11.65
C ARG A 332 -16.37 10.13 -12.12
N GLU A 333 -15.06 9.84 -12.21
CA GLU A 333 -14.61 8.58 -12.82
C GLU A 333 -14.91 7.32 -11.97
N VAL A 334 -14.80 7.50 -10.67
CA VAL A 334 -15.08 6.44 -9.71
C VAL A 334 -16.58 6.13 -9.74
N GLU A 335 -17.43 7.16 -9.65
CA GLU A 335 -18.88 6.91 -9.77
C GLU A 335 -19.27 6.25 -11.10
N SER A 336 -18.60 6.64 -12.18
CA SER A 336 -18.84 6.03 -13.45
C SER A 336 -18.53 4.53 -13.47
N LEU A 337 -17.35 4.22 -12.97
CA LEU A 337 -16.92 2.80 -12.91
C LEU A 337 -17.83 1.97 -11.97
N ILE A 338 -18.30 2.55 -10.89
CA ILE A 338 -19.22 1.86 -9.99
C ILE A 338 -20.53 1.53 -10.72
N GLU A 339 -21.01 2.48 -11.51
CA GLU A 339 -22.19 2.27 -12.30
C GLU A 339 -22.00 1.17 -13.29
N GLN A 340 -20.84 1.13 -13.92
CA GLN A 340 -20.55 0.05 -14.84
C GLN A 340 -20.44 -1.31 -14.11
N LEU A 341 -19.88 -1.30 -12.90
CA LEU A 341 -19.77 -2.51 -12.10
C LEU A 341 -21.17 -3.11 -11.75
N LYS A 342 -22.18 -2.23 -11.58
CA LYS A 342 -23.57 -2.65 -11.27
C LYS A 342 -24.20 -3.54 -12.29
N VAL A 343 -23.72 -3.51 -13.52
CA VAL A 343 -24.34 -4.28 -14.60
C VAL A 343 -24.25 -5.78 -14.31
N LYS A 344 -23.03 -6.23 -14.02
CA LYS A 344 -22.82 -7.63 -13.59
C LYS A 344 -22.90 -7.87 -12.09
N SER A 345 -22.54 -6.94 -11.19
CA SER A 345 -22.65 -7.17 -9.71
C SER A 345 -22.91 -5.97 -8.85
N PRO A 346 -24.18 -5.73 -8.55
CA PRO A 346 -24.56 -4.66 -7.65
C PRO A 346 -23.88 -4.79 -6.30
N THR A 347 -23.69 -6.02 -5.84
CA THR A 347 -23.06 -6.28 -4.56
C THR A 347 -21.60 -5.83 -4.57
N PHE A 348 -20.87 -6.24 -5.61
CA PHE A 348 -19.50 -5.86 -5.70
C PHE A 348 -19.35 -4.34 -5.93
N ALA A 349 -20.21 -3.76 -6.76
CA ALA A 349 -20.24 -2.32 -6.94
C ALA A 349 -20.37 -1.61 -5.57
N GLU A 350 -21.24 -2.10 -4.72
CA GLU A 350 -21.40 -1.52 -3.38
C GLU A 350 -20.18 -1.67 -2.47
N SER A 351 -19.48 -2.78 -2.59
CA SER A 351 -18.22 -2.93 -1.85
C SER A 351 -17.19 -1.92 -2.35
N VAL A 352 -17.16 -1.76 -3.68
CA VAL A 352 -16.31 -0.74 -4.25
C VAL A 352 -16.75 0.66 -3.79
N ALA A 353 -18.05 0.97 -3.77
CA ALA A 353 -18.49 2.21 -3.15
C ALA A 353 -17.99 2.47 -1.71
N VAL A 354 -17.99 1.43 -0.89
CA VAL A 354 -17.53 1.52 0.47
C VAL A 354 -16.02 1.79 0.54
N VAL A 355 -15.28 1.11 -0.31
CA VAL A 355 -13.87 1.35 -0.42
C VAL A 355 -13.59 2.81 -0.76
N TRP A 356 -14.33 3.33 -1.77
CA TRP A 356 -14.15 4.70 -2.17
C TRP A 356 -14.43 5.64 -1.02
N GLU A 357 -15.52 5.43 -0.31
CA GLU A 357 -15.90 6.30 0.83
C GLU A 357 -14.81 6.33 1.92
N LYS A 358 -14.28 5.16 2.28
CA LYS A 358 -13.23 5.10 3.26
C LYS A 358 -11.96 5.80 2.77
N THR A 359 -11.69 5.74 1.48
CA THR A 359 -10.59 6.43 0.97
C THR A 359 -10.75 7.96 0.95
N HIS A 360 -11.88 8.41 0.44
CA HIS A 360 -12.31 9.82 0.44
C HIS A 360 -12.21 10.50 1.83
N LYS A 361 -12.49 9.77 2.92
CA LYS A 361 -12.62 10.38 4.28
C LYS A 361 -11.44 10.16 5.26
N ARG A 362 -10.31 9.68 4.78
CA ARG A 362 -9.22 9.42 5.72
C ARG A 362 -8.39 10.66 6.06
S SO4 B . -3.30 1.13 6.85
O1 SO4 B . -3.37 1.88 8.14
O2 SO4 B . -2.05 0.23 6.96
O3 SO4 B . -3.05 2.05 5.75
O4 SO4 B . -4.60 0.29 6.90
S SO4 C . 1.24 -27.74 7.35
O1 SO4 C . 0.75 -29.03 6.78
O2 SO4 C . 1.51 -27.76 8.83
O3 SO4 C . 2.52 -27.46 6.69
O4 SO4 C . 0.29 -26.68 6.97
C ACT D . -15.01 5.58 -17.80
O ACT D . -14.94 5.06 -16.66
OXT ACT D . -15.38 4.99 -18.88
CH3 ACT D . -14.58 7.01 -17.84
S SO4 E . -7.51 11.78 -13.27
O1 SO4 E . -7.60 10.71 -12.25
O2 SO4 E . -6.14 11.85 -13.79
O3 SO4 E . -8.42 11.54 -14.40
O4 SO4 E . -7.85 13.09 -12.64
ZN ZN F . 10.20 4.46 -0.07
N1 AWG G . -3.49 11.93 -12.66
N3 AWG G . -5.65 14.64 -15.31
C4 AWG G . -2.49 14.10 -13.37
C5 AWG G . -2.46 12.96 -12.52
C6 AWG G . -1.46 12.86 -11.57
C7 AWG G . -4.71 14.70 -14.38
C8 AWG G . -6.71 15.47 -14.80
C10 AWG G . -8.81 16.66 -14.61
C13 AWG G . -6.34 15.99 -13.53
C1 AWG G . -0.49 13.86 -11.42
C2 AWG G . -0.55 14.98 -12.23
C3 AWG G . -1.53 15.10 -13.20
N2 AWG G . -3.48 14.10 -14.44
C9 AWG G . -7.97 15.82 -15.37
C11 AWG G . -8.45 17.15 -13.34
C12 AWG G . -7.21 16.83 -12.78
N4 AWG G . -5.07 15.50 -13.26
#